data_7WKP
#
_entry.id   7WKP
#
_cell.length_a   57.892
_cell.length_b   57.892
_cell.length_c   355.786
_cell.angle_alpha   90.000
_cell.angle_beta   90.000
_cell.angle_gamma   120.000
#
_symmetry.space_group_name_H-M   'P 61 2 2'
#
loop_
_entity.id
_entity.type
_entity.pdbx_description
1 polymer Csy4
2 polymer "3' stem loop crRNA"
3 water water
#
loop_
_entity_poly.entity_id
_entity_poly.type
_entity_poly.pdbx_seq_one_letter_code
_entity_poly.pdbx_strand_id
1 'polypeptide(L)'
;MGSSHHHHHHSSGRENLYFQGMYNTISITVVDADDVGVNFVVSKVLSTLHNKGIFNGEVGVTFPRMDKNVGDIITLFSKT
GVDRKVLTSTLNTLTDFIHIGKPKEADKVKTYRKVDTKSKGKLIRRCIKRKGVSAETAESLYGNYKGEKCKLPYIVVNSK
STGQRFSMFLEECENSEKFNSYGLCIVSC
;
A
2 'polyribonucleotide' CUUAAAGAGUCAACCCUUUGCUUAUCUUCCUAUUUAAAUGUUAGCAGCCGCAUAGGCUGC B
#
loop_
_chem_comp.id
_chem_comp.type
_chem_comp.name
_chem_comp.formula
A RNA linking ADENOSINE-5'-MONOPHOSPHATE 'C10 H14 N5 O7 P'
C RNA linking CYTIDINE-5'-MONOPHOSPHATE 'C9 H14 N3 O8 P'
G RNA linking GUANOSINE-5'-MONOPHOSPHATE 'C10 H14 N5 O8 P'
U RNA linking URIDINE-5'-MONOPHOSPHATE 'C9 H13 N2 O9 P'
#
# COMPACT_ATOMS: atom_id res chain seq x y z
N MET A 22 19.06 3.60 12.13
CA MET A 22 18.31 4.84 12.32
C MET A 22 17.67 5.34 11.04
N TYR A 23 16.35 5.47 11.06
CA TYR A 23 15.59 6.07 9.97
C TYR A 23 15.00 7.41 10.43
N ASN A 24 14.94 8.37 9.52
CA ASN A 24 14.17 9.58 9.75
C ASN A 24 12.70 9.29 9.45
N THR A 25 11.83 9.57 10.40
CA THR A 25 10.40 9.27 10.26
C THR A 25 9.56 10.53 10.44
N ILE A 26 8.43 10.57 9.74
CA ILE A 26 7.44 11.62 9.90
C ILE A 26 6.06 10.97 9.81
N SER A 27 5.14 11.44 10.66
CA SER A 27 3.88 10.75 10.90
C SER A 27 2.70 11.56 10.37
N ILE A 28 1.74 10.86 9.78
CA ILE A 28 0.51 11.46 9.25
C ILE A 28 -0.66 10.80 9.97
N THR A 29 -1.34 11.54 10.83
CA THR A 29 -2.44 11.02 11.63
C THR A 29 -3.77 11.49 11.04
N VAL A 30 -4.67 10.54 10.81
CA VAL A 30 -6.01 10.88 10.31
C VAL A 30 -6.81 11.53 11.42
N VAL A 31 -7.47 12.64 11.10
CA VAL A 31 -8.11 13.50 12.09
C VAL A 31 -9.40 14.05 11.50
N ASP A 32 -10.45 14.11 12.33
CA ASP A 32 -11.73 14.72 11.97
C ASP A 32 -12.33 14.11 10.71
N ALA A 33 -12.36 12.77 10.66
CA ALA A 33 -12.73 12.04 9.46
C ALA A 33 -14.03 11.27 9.60
N ASP A 34 -14.92 11.70 10.50
CA ASP A 34 -16.17 10.96 10.72
C ASP A 34 -17.04 10.94 9.47
N ASP A 35 -16.97 11.98 8.65
CA ASP A 35 -17.83 12.04 7.47
C ASP A 35 -17.47 10.99 6.43
N VAL A 36 -16.18 10.65 6.31
CA VAL A 36 -15.73 9.74 5.25
C VAL A 36 -15.09 8.48 5.78
N GLY A 37 -14.65 8.43 7.03
CA GLY A 37 -14.04 7.22 7.53
C GLY A 37 -12.52 7.27 7.46
N VAL A 38 -11.88 6.63 8.44
CA VAL A 38 -10.42 6.67 8.52
C VAL A 38 -9.78 5.95 7.34
N ASN A 39 -10.33 4.78 6.97
CA ASN A 39 -9.74 4.01 5.89
C ASN A 39 -9.78 4.76 4.56
N PHE A 40 -10.80 5.58 4.36
CA PHE A 40 -10.88 6.39 3.14
C PHE A 40 -9.74 7.41 3.09
N VAL A 41 -9.49 8.10 4.20
CA VAL A 41 -8.43 9.10 4.24
C VAL A 41 -7.07 8.43 4.05
N VAL A 42 -6.87 7.28 4.70
CA VAL A 42 -5.62 6.53 4.50
C VAL A 42 -5.45 6.18 3.03
N SER A 43 -6.52 5.72 2.38
CA SER A 43 -6.44 5.37 0.97
C SER A 43 -6.06 6.57 0.12
N LYS A 44 -6.67 7.73 0.39
CA LYS A 44 -6.37 8.91 -0.42
C LYS A 44 -4.97 9.46 -0.12
N VAL A 45 -4.52 9.36 1.14
CA VAL A 45 -3.17 9.81 1.47
C VAL A 45 -2.14 8.96 0.73
N LEU A 46 -2.28 7.63 0.83
CA LEU A 46 -1.33 6.72 0.19
C LEU A 46 -1.31 6.93 -1.33
N SER A 47 -2.50 7.08 -1.93
CA SER A 47 -2.56 7.24 -3.38
C SER A 47 -1.98 8.57 -3.83
N THR A 48 -2.23 9.64 -3.06
CA THR A 48 -1.68 10.94 -3.42
C THR A 48 -0.16 10.93 -3.34
N LEU A 49 0.39 10.36 -2.26
CA LEU A 49 1.85 10.23 -2.16
C LEU A 49 2.41 9.41 -3.32
N HIS A 50 1.71 8.35 -3.70
CA HIS A 50 2.14 7.55 -4.85
C HIS A 50 2.10 8.35 -6.14
N ASN A 51 0.97 9.04 -6.39
CA ASN A 51 0.82 9.76 -7.65
C ASN A 51 1.79 10.92 -7.78
N LYS A 52 2.19 11.54 -6.67
CA LYS A 52 3.07 12.69 -6.69
C LYS A 52 4.55 12.32 -6.64
N GLY A 53 4.88 11.03 -6.59
CA GLY A 53 6.27 10.62 -6.65
C GLY A 53 7.02 10.62 -5.35
N ILE A 54 6.32 10.66 -4.21
CA ILE A 54 6.99 10.64 -2.91
C ILE A 54 7.72 9.31 -2.72
N PHE A 55 7.11 8.21 -3.16
CA PHE A 55 7.71 6.89 -3.01
C PHE A 55 8.63 6.63 -4.21
N ASN A 56 9.82 7.24 -4.14
CA ASN A 56 10.79 7.17 -5.22
C ASN A 56 11.75 5.99 -5.09
N GLY A 57 11.49 5.08 -4.16
CA GLY A 57 12.40 3.99 -3.87
C GLY A 57 13.22 4.20 -2.61
N GLU A 58 13.29 5.44 -2.12
CA GLU A 58 14.04 5.76 -0.91
C GLU A 58 13.14 5.95 0.30
N VAL A 59 11.82 5.99 0.12
CA VAL A 59 10.88 6.26 1.20
C VAL A 59 10.02 5.03 1.41
N GLY A 60 9.94 4.57 2.67
CA GLY A 60 9.06 3.49 3.05
C GLY A 60 7.88 4.00 3.86
N VAL A 61 6.89 3.12 4.02
CA VAL A 61 5.70 3.44 4.78
C VAL A 61 5.50 2.37 5.85
N THR A 62 5.06 2.80 7.03
CA THR A 62 4.73 1.88 8.11
C THR A 62 3.52 2.41 8.85
N PHE A 63 2.90 1.55 9.66
CA PHE A 63 1.59 1.83 10.26
C PHE A 63 1.65 1.47 11.74
N PRO A 64 1.97 2.45 12.59
CA PRO A 64 2.24 2.13 14.01
C PRO A 64 1.05 1.56 14.76
N ARG A 65 -0.18 1.84 14.34
CA ARG A 65 -1.37 1.39 15.06
C ARG A 65 -2.12 0.30 14.30
N MET A 66 -1.42 -0.46 13.47
CA MET A 66 -2.04 -1.55 12.72
C MET A 66 -2.39 -2.71 13.65
N ASP A 67 -3.67 -3.04 13.74
CA ASP A 67 -4.10 -4.24 14.45
C ASP A 67 -4.82 -5.22 13.53
N LYS A 68 -5.94 -4.83 12.96
CA LYS A 68 -6.64 -5.64 11.97
C LYS A 68 -6.87 -4.87 10.68
N ASN A 69 -7.14 -3.57 10.77
CA ASN A 69 -6.89 -2.65 9.68
C ASN A 69 -5.58 -1.93 9.97
N VAL A 70 -5.19 -1.00 9.09
CA VAL A 70 -3.87 -0.37 9.22
C VAL A 70 -3.80 0.65 10.34
N GLY A 71 -4.93 1.07 10.90
CA GLY A 71 -4.91 2.11 11.90
C GLY A 71 -5.05 3.49 11.27
N ASP A 72 -4.90 4.51 12.13
CA ASP A 72 -5.16 5.89 11.72
C ASP A 72 -3.88 6.72 11.63
N ILE A 73 -2.71 6.09 11.54
CA ILE A 73 -1.45 6.80 11.44
CA ILE A 73 -1.43 6.78 11.45
C ILE A 73 -0.62 6.18 10.31
N ILE A 74 -0.18 7.03 9.39
CA ILE A 74 0.69 6.64 8.28
C ILE A 74 2.03 7.30 8.50
N THR A 75 3.08 6.49 8.66
CA THR A 75 4.42 6.97 8.95
C THR A 75 5.34 6.72 7.77
N LEU A 76 5.92 7.79 7.23
CA LEU A 76 6.95 7.68 6.22
C LEU A 76 8.32 7.64 6.89
N PHE A 77 9.21 6.80 6.37
CA PHE A 77 10.56 6.72 6.90
C PHE A 77 11.56 6.69 5.76
N SER A 78 12.75 7.21 6.02
CA SER A 78 13.77 7.34 4.98
C SER A 78 15.12 7.57 5.63
N LYS A 79 16.18 7.24 4.88
CA LYS A 79 17.52 7.61 5.31
C LYS A 79 17.76 9.09 5.11
N THR A 80 17.44 9.60 3.92
CA THR A 80 17.55 11.02 3.65
C THR A 80 16.49 11.78 4.43
N GLY A 81 16.50 13.10 4.27
CA GLY A 81 15.60 13.94 5.06
C GLY A 81 14.15 13.77 4.64
N VAL A 82 13.28 13.86 5.64
CA VAL A 82 11.83 13.91 5.44
C VAL A 82 11.38 15.34 5.70
N ASP A 83 10.79 15.97 4.69
CA ASP A 83 10.51 17.41 4.72
C ASP A 83 9.03 17.64 5.00
N ARG A 84 8.73 18.28 6.14
CA ARG A 84 7.34 18.54 6.50
C ARG A 84 6.67 19.49 5.53
N LYS A 85 7.42 20.47 4.98
CA LYS A 85 6.84 21.40 4.03
C LYS A 85 6.43 20.70 2.74
N VAL A 86 7.32 19.90 2.17
CA VAL A 86 7.02 19.18 0.94
C VAL A 86 5.86 18.22 1.15
N LEU A 87 5.85 17.52 2.28
CA LEU A 87 4.78 16.58 2.57
C LEU A 87 3.43 17.28 2.67
N THR A 88 3.39 18.44 3.33
CA THR A 88 2.13 19.18 3.47
C THR A 88 1.63 19.67 2.13
N SER A 89 2.52 20.21 1.29
CA SER A 89 2.09 20.68 -0.03
C SER A 89 1.63 19.53 -0.91
N THR A 90 2.27 18.36 -0.78
CA THR A 90 1.84 17.19 -1.55
C THR A 90 0.41 16.81 -1.21
N LEU A 91 0.03 16.91 0.06
CA LEU A 91 -1.29 16.53 0.54
C LEU A 91 -2.20 17.74 0.75
N ASN A 92 -2.01 18.79 -0.03
CA ASN A 92 -2.69 20.06 0.24
C ASN A 92 -4.18 20.05 -0.10
N THR A 93 -4.71 18.94 -0.65
CA THR A 93 -6.14 18.77 -0.80
C THR A 93 -6.75 17.90 0.29
N LEU A 94 -5.95 17.51 1.29
CA LEU A 94 -6.40 16.63 2.35
C LEU A 94 -6.05 17.15 3.74
N THR A 95 -5.55 18.39 3.84
CA THR A 95 -5.05 18.90 5.12
C THR A 95 -6.14 19.01 6.18
N ASP A 96 -7.41 19.12 5.77
CA ASP A 96 -8.50 19.18 6.74
C ASP A 96 -8.75 17.85 7.43
N PHE A 97 -8.18 16.75 6.91
CA PHE A 97 -8.42 15.42 7.46
C PHE A 97 -7.18 14.80 8.09
N ILE A 98 -6.05 15.50 8.14
CA ILE A 98 -4.81 14.92 8.61
C ILE A 98 -4.08 15.91 9.51
N HIS A 99 -3.23 15.36 10.38
CA HIS A 99 -2.27 16.13 11.16
C HIS A 99 -0.89 15.57 10.86
N ILE A 100 0.00 16.42 10.33
CA ILE A 100 1.35 16.02 9.97
C ILE A 100 2.28 16.37 11.13
N GLY A 101 2.89 15.35 11.72
CA GLY A 101 3.70 15.52 12.90
C GLY A 101 5.08 16.08 12.59
N LYS A 102 5.90 16.09 13.64
CA LYS A 102 7.25 16.64 13.53
C LYS A 102 8.25 15.54 13.23
N PRO A 103 9.33 15.86 12.51
CA PRO A 103 10.32 14.83 12.16
C PRO A 103 10.92 14.17 13.40
N LYS A 104 11.03 12.85 13.34
CA LYS A 104 11.65 12.07 14.41
C LYS A 104 12.65 11.09 13.83
N GLU A 105 13.17 10.18 14.64
CA GLU A 105 13.96 9.09 14.12
C GLU A 105 13.73 7.85 14.97
N ALA A 106 13.77 6.69 14.32
CA ALA A 106 13.49 5.42 14.96
C ALA A 106 14.57 4.41 14.61
N ASP A 107 14.78 3.46 15.52
CA ASP A 107 15.83 2.46 15.32
C ASP A 107 15.34 1.32 14.44
N LYS A 108 14.28 0.63 14.86
CA LYS A 108 13.74 -0.53 14.15
C LYS A 108 12.32 -0.23 13.73
N VAL A 109 12.08 -0.18 12.43
CA VAL A 109 10.77 0.12 11.86
C VAL A 109 10.19 -1.17 11.29
N LYS A 110 8.92 -1.44 11.60
CA LYS A 110 8.21 -2.56 10.99
C LYS A 110 7.93 -2.26 9.52
N THR A 111 8.36 -3.16 8.64
CA THR A 111 8.20 -3.00 7.20
C THR A 111 7.13 -3.94 6.67
N TYR A 112 6.59 -3.57 5.51
CA TYR A 112 5.45 -4.28 4.93
C TYR A 112 5.62 -4.42 3.43
N ARG A 113 5.07 -5.51 2.89
CA ARG A 113 4.96 -5.72 1.46
C ARG A 113 3.49 -5.94 1.11
N LYS A 114 3.15 -5.77 -0.16
CA LYS A 114 1.78 -5.99 -0.60
C LYS A 114 1.61 -7.39 -1.17
N VAL A 115 0.62 -8.12 -0.64
CA VAL A 115 0.26 -9.45 -1.11
C VAL A 115 -0.89 -9.31 -2.09
N ASP A 116 -0.78 -9.93 -3.24
CA ASP A 116 -1.82 -9.86 -4.27
C ASP A 116 -2.61 -11.17 -4.28
N THR A 117 -3.90 -11.05 -4.56
CA THR A 117 -4.76 -12.21 -4.79
C THR A 117 -4.94 -12.42 -6.29
N LYS A 118 -4.97 -13.69 -6.71
CA LYS A 118 -5.14 -14.05 -8.11
C LYS A 118 -6.43 -14.85 -8.25
N SER A 119 -7.41 -14.26 -8.94
CA SER A 119 -8.69 -14.93 -9.12
C SER A 119 -8.53 -16.10 -10.09
N LYS A 120 -9.53 -17.01 -10.05
CA LYS A 120 -9.51 -18.14 -10.96
C LYS A 120 -9.56 -17.67 -12.41
N GLY A 121 -10.38 -16.65 -12.70
CA GLY A 121 -10.45 -16.13 -14.05
C GLY A 121 -9.13 -15.55 -14.53
N LYS A 122 -8.44 -14.81 -13.65
CA LYS A 122 -7.13 -14.28 -14.00
C LYS A 122 -6.16 -15.39 -14.36
N LEU A 123 -6.13 -16.46 -13.57
CA LEU A 123 -5.20 -17.55 -13.85
C LEU A 123 -5.58 -18.29 -15.12
N ILE A 124 -6.87 -18.51 -15.36
CA ILE A 124 -7.31 -19.22 -16.55
C ILE A 124 -6.95 -18.43 -17.81
N ARG A 125 -7.17 -17.11 -17.79
CA ARG A 125 -6.87 -16.30 -18.97
C ARG A 125 -5.38 -16.32 -19.29
N ARG A 126 -4.52 -16.26 -18.27
CA ARG A 126 -3.09 -16.30 -18.54
C ARG A 126 -2.65 -17.69 -19.01
N CYS A 127 -3.29 -18.73 -18.47
CA CYS A 127 -3.01 -20.10 -18.93
C CYS A 127 -3.32 -20.24 -20.43
N ILE A 128 -4.46 -19.72 -20.86
CA ILE A 128 -4.83 -19.78 -22.27
C ILE A 128 -3.77 -19.09 -23.13
N LYS A 129 -3.29 -17.93 -22.69
CA LYS A 129 -2.28 -17.23 -23.47
C LYS A 129 -0.96 -17.99 -23.53
N ARG A 130 -0.51 -18.52 -22.38
CA ARG A 130 0.82 -19.10 -22.33
C ARG A 130 0.84 -20.55 -22.82
N LYS A 131 -0.18 -21.34 -22.45
CA LYS A 131 -0.22 -22.74 -22.85
C LYS A 131 -0.94 -22.97 -24.17
N GLY A 132 -1.63 -21.96 -24.69
CA GLY A 132 -2.34 -22.12 -25.96
C GLY A 132 -3.45 -23.16 -25.92
N VAL A 133 -4.10 -23.31 -24.78
CA VAL A 133 -5.15 -24.30 -24.62
C VAL A 133 -6.51 -23.62 -24.77
N SER A 134 -7.56 -24.43 -24.93
CA SER A 134 -8.91 -23.92 -25.04
C SER A 134 -9.43 -23.51 -23.67
N ALA A 135 -10.55 -22.79 -23.67
CA ALA A 135 -11.15 -22.34 -22.42
C ALA A 135 -11.56 -23.51 -21.54
N GLU A 136 -12.18 -24.54 -22.13
CA GLU A 136 -12.63 -25.66 -21.31
C GLU A 136 -11.46 -26.52 -20.84
N THR A 137 -10.38 -26.58 -21.62
CA THR A 137 -9.16 -27.24 -21.13
C THR A 137 -8.61 -26.51 -19.91
N ALA A 138 -8.54 -25.18 -19.98
CA ALA A 138 -8.05 -24.40 -18.85
C ALA A 138 -8.97 -24.53 -17.65
N GLU A 139 -10.29 -24.53 -17.87
CA GLU A 139 -11.23 -24.71 -16.78
C GLU A 139 -11.03 -26.05 -16.08
N SER A 140 -10.71 -27.09 -16.84
CA SER A 140 -10.45 -28.39 -16.25
C SER A 140 -9.12 -28.40 -15.49
N LEU A 141 -8.07 -27.83 -16.10
CA LEU A 141 -6.77 -27.77 -15.43
C LEU A 141 -6.85 -27.02 -14.11
N TYR A 142 -7.71 -26.01 -14.01
CA TYR A 142 -7.89 -25.24 -12.80
C TYR A 142 -9.17 -25.59 -12.05
N GLY A 143 -9.73 -26.78 -12.32
CA GLY A 143 -11.05 -27.10 -11.81
C GLY A 143 -11.15 -27.14 -10.30
N ASN A 144 -10.04 -27.38 -9.62
CA ASN A 144 -10.04 -27.41 -8.16
C ASN A 144 -9.38 -26.18 -7.54
N TYR A 145 -9.13 -25.14 -8.32
CA TYR A 145 -8.59 -23.89 -7.79
C TYR A 145 -9.73 -23.01 -7.32
N LYS A 146 -9.63 -22.51 -6.09
CA LYS A 146 -10.66 -21.65 -5.51
C LYS A 146 -10.32 -20.17 -5.66
N GLY A 147 -9.17 -19.76 -5.13
CA GLY A 147 -8.77 -18.37 -5.21
C GLY A 147 -8.32 -17.85 -3.86
N GLU A 148 -7.36 -16.94 -3.89
CA GLU A 148 -6.77 -16.41 -2.66
C GLU A 148 -7.76 -15.52 -1.94
N LYS A 149 -7.99 -15.82 -0.66
CA LYS A 149 -8.95 -15.08 0.18
C LYS A 149 -8.16 -14.54 1.38
N CYS A 150 -7.65 -13.32 1.23
CA CYS A 150 -6.77 -12.72 2.22
C CYS A 150 -7.56 -11.97 3.28
N LYS A 151 -7.12 -12.08 4.53
CA LYS A 151 -7.73 -11.37 5.64
C LYS A 151 -6.78 -10.36 6.29
N LEU A 152 -5.60 -10.14 5.71
CA LEU A 152 -4.64 -9.18 6.23
C LEU A 152 -5.23 -7.77 6.18
N PRO A 153 -4.65 -6.82 6.92
CA PRO A 153 -5.05 -5.42 6.75
C PRO A 153 -4.80 -4.97 5.32
N TYR A 154 -5.69 -4.11 4.82
CA TYR A 154 -5.58 -3.69 3.44
C TYR A 154 -5.97 -2.22 3.30
N ILE A 155 -5.50 -1.62 2.21
CA ILE A 155 -5.85 -0.27 1.83
C ILE A 155 -6.43 -0.32 0.43
N VAL A 156 -7.61 0.27 0.23
CA VAL A 156 -8.25 0.28 -1.07
C VAL A 156 -7.49 1.25 -1.99
N VAL A 157 -7.18 0.80 -3.20
CA VAL A 157 -6.41 1.57 -4.16
C VAL A 157 -7.14 1.59 -5.49
N ASN A 158 -7.21 2.76 -6.12
CA ASN A 158 -7.71 2.91 -7.47
C ASN A 158 -6.50 3.19 -8.38
N SER A 159 -6.17 2.22 -9.23
CA SER A 159 -5.06 2.37 -10.16
C SER A 159 -5.57 2.97 -11.46
N LYS A 160 -4.96 4.09 -11.88
CA LYS A 160 -5.41 4.77 -13.08
C LYS A 160 -4.95 4.05 -14.34
N SER A 161 -3.67 3.67 -14.39
CA SER A 161 -3.13 3.06 -15.60
C SER A 161 -3.78 1.71 -15.89
N THR A 162 -4.08 0.94 -14.84
CA THR A 162 -4.72 -0.35 -15.02
C THR A 162 -6.25 -0.27 -14.97
N GLY A 163 -6.79 0.84 -14.48
CA GLY A 163 -8.23 1.00 -14.45
C GLY A 163 -8.96 0.11 -13.47
N GLN A 164 -8.28 -0.32 -12.40
CA GLN A 164 -8.86 -1.25 -11.44
C GLN A 164 -8.89 -0.66 -10.04
N ARG A 165 -9.88 -1.08 -9.28
CA ARG A 165 -9.90 -0.87 -7.83
C ARG A 165 -9.62 -2.20 -7.16
N PHE A 166 -8.70 -2.21 -6.19
CA PHE A 166 -8.35 -3.46 -5.54
C PHE A 166 -7.98 -3.18 -4.08
N SER A 167 -7.95 -4.25 -3.30
CA SER A 167 -7.58 -4.18 -1.89
C SER A 167 -6.12 -4.56 -1.76
N MET A 168 -5.27 -3.59 -1.41
CA MET A 168 -3.84 -3.81 -1.27
C MET A 168 -3.59 -4.39 0.11
N PHE A 169 -3.48 -5.71 0.20
CA PHE A 169 -3.24 -6.37 1.46
C PHE A 169 -1.79 -6.18 1.89
N LEU A 170 -1.59 -5.84 3.16
CA LEU A 170 -0.27 -5.55 3.70
C LEU A 170 0.17 -6.68 4.62
N GLU A 171 1.37 -7.19 4.36
CA GLU A 171 1.96 -8.28 5.14
C GLU A 171 3.29 -7.81 5.71
N GLU A 172 3.49 -8.03 7.01
CA GLU A 172 4.77 -7.67 7.61
C GLU A 172 5.88 -8.51 6.99
N CYS A 173 7.00 -7.87 6.70
CA CYS A 173 8.08 -8.52 5.98
C CYS A 173 9.41 -8.10 6.60
N GLU A 174 10.46 -8.82 6.21
CA GLU A 174 11.82 -8.40 6.53
C GLU A 174 12.14 -7.14 5.75
N ASN A 175 12.82 -6.20 6.41
CA ASN A 175 13.18 -4.94 5.78
C ASN A 175 14.23 -5.20 4.72
N SER A 176 13.81 -5.20 3.46
CA SER A 176 14.72 -5.39 2.35
C SER A 176 15.52 -4.14 2.02
N GLU A 177 15.13 -2.99 2.58
CA GLU A 177 15.78 -1.71 2.31
C GLU A 177 15.70 -1.33 0.84
N LYS A 178 14.73 -1.89 0.13
CA LYS A 178 14.37 -1.47 -1.23
C LYS A 178 12.86 -1.39 -1.28
N PHE A 179 12.34 -0.28 -1.81
CA PHE A 179 10.92 0.02 -1.70
C PHE A 179 10.34 0.37 -3.06
N ASN A 180 9.05 0.09 -3.23
CA ASN A 180 8.35 0.32 -4.49
C ASN A 180 7.59 1.65 -4.42
N SER A 181 6.77 1.90 -5.45
CA SER A 181 6.03 3.15 -5.57
C SER A 181 4.95 3.33 -4.51
N TYR A 182 4.76 2.38 -3.59
CA TYR A 182 3.83 2.55 -2.48
C TYR A 182 4.53 2.49 -1.13
N GLY A 183 5.86 2.59 -1.11
CA GLY A 183 6.60 2.56 0.14
C GLY A 183 6.73 1.19 0.77
N LEU A 184 6.50 0.13 -0.01
CA LEU A 184 6.49 -1.23 0.50
C LEU A 184 7.73 -1.97 0.01
N CYS A 185 8.22 -2.90 0.84
CA CYS A 185 9.47 -3.59 0.53
C CYS A 185 9.32 -4.48 -0.70
N ILE A 186 10.34 -4.45 -1.55
CA ILE A 186 10.46 -5.39 -2.66
C ILE A 186 11.80 -6.10 -2.54
N VAL A 187 11.89 -7.25 -3.23
CA VAL A 187 13.11 -8.06 -3.17
C VAL A 187 14.24 -7.34 -3.90
N SER A 188 15.45 -7.51 -3.40
CA SER A 188 16.63 -6.90 -4.00
C SER A 188 17.71 -7.94 -4.27
#